data_6W8C
#
_entry.id   6W8C
#
_cell.length_a   67.129
_cell.length_b   119.783
_cell.length_c   128.872
_cell.angle_alpha   90
_cell.angle_beta   90
_cell.angle_gamma   90
#
_symmetry.space_group_name_H-M   'P 21 21 21'
#
loop_
_entity.id
_entity.type
_entity.pdbx_description
1 polymer 'Potassium channel subfamily K member 2'
2 non-polymer 'POTASSIUM ION'
3 non-polymer HEXADECANE
4 non-polymer N-[(2,4-dichlorophenyl)methyl]-4-[(methylsulfonyl)amino]benzamide
5 non-polymer 'heptyl beta-D-glucopyranoside'
6 non-polymer '[(2~{S})-1-octadecanoyloxy-3-[oxidanyl-[(1~{R},2~{R},3~{S},4~{S},5~{S},6~{S})-2,3,6-tris(oxidanyl)-4,5-diphosphonooxy-cyclohexyl]oxy-phosphoryl]oxy-propan-2-yl] icosa-5,8,11,14-tetraenoate'
7 non-polymer 'UNDECANOIC ACID'
8 non-polymer 'CADMIUM ION'
9 non-polymer N-OCTANE
10 non-polymer DODECANE
11 non-polymer UNDECANE
12 non-polymer PENTANE
13 water water
#
_entity_poly.entity_id   1
_entity_poly.type   'polypeptide(L)'
_entity_poly.pdbx_seq_one_letter_code
;MSFSSKPTVLASRVESDSAINVMKWKTVSTIFLVVVLYLIIGATVFKALEQPQEISQRTTIVIQREKFLRAHPCVSDQEL
DELIQQIVAAINAGIIPLGASSNQVSHWDLGSSFFFAGTVITTIGFGNISPRTEGGKIFCIIYALLGIPLFGFLLAGVGD
QLGTIFGKGIAKVEDTFIKWNVSQTKIRIISTIIFILFGCVLFVALPAVIFKHIEGWSALDAIYFVVITLTTIGFGDYVA
GGSDIEYLDFYKPVVWFWILVGLAYFAAVLSMIGDWLRVIAKKTKEAVGEFRAHAAEWTANVTSNSLEVLFQ
;
_entity_poly.pdbx_strand_id   A,B
#
# COMPACT_ATOMS: atom_id res chain seq x y z
N SER A 16 -17.87 31.15 20.06
CA SER A 16 -17.82 29.69 20.46
C SER A 16 -16.79 28.86 19.63
N ASP A 17 -15.66 28.57 20.28
CA ASP A 17 -14.63 27.63 19.75
C ASP A 17 -15.15 26.19 19.70
N SER A 18 -16.00 25.82 20.65
CA SER A 18 -16.72 24.54 20.69
C SER A 18 -17.72 24.40 19.53
N ALA A 19 -18.27 25.49 19.01
CA ALA A 19 -19.35 25.40 17.99
C ALA A 19 -18.83 24.93 16.62
N ILE A 20 -17.68 25.46 16.20
CA ILE A 20 -17.00 24.99 14.95
C ILE A 20 -16.54 23.52 15.13
N ASN A 21 -15.96 23.21 16.28
CA ASN A 21 -15.56 21.84 16.62
C ASN A 21 -16.70 20.83 16.69
N VAL A 22 -17.89 21.31 17.02
CA VAL A 22 -19.08 20.47 16.97
C VAL A 22 -19.46 20.28 15.51
N MET A 23 -19.45 21.34 14.71
CA MET A 23 -19.75 21.24 13.26
C MET A 23 -18.74 20.32 12.57
N LYS A 24 -17.48 20.44 12.96
CA LYS A 24 -16.42 19.53 12.53
C LYS A 24 -16.72 18.06 12.85
N TRP A 25 -16.72 17.69 14.13
CA TRP A 25 -17.10 16.33 14.54
C TRP A 25 -18.39 15.85 13.88
N LYS A 26 -19.33 16.74 13.57
CA LYS A 26 -20.54 16.33 12.85
C LYS A 26 -20.17 15.76 11.51
N THR A 27 -19.33 16.48 10.78
CA THR A 27 -18.90 16.12 9.43
C THR A 27 -18.06 14.83 9.42
N VAL A 28 -17.05 14.76 10.30
CA VAL A 28 -16.24 13.55 10.48
C VAL A 28 -17.11 12.31 10.73
N SER A 29 -18.06 12.44 11.65
CA SER A 29 -18.94 11.35 12.03
C SER A 29 -19.76 10.87 10.84
N THR A 30 -20.19 11.79 9.99
CA THR A 30 -21.01 11.36 8.85
C THR A 30 -20.13 10.72 7.78
N ILE A 31 -18.89 11.21 7.59
CA ILE A 31 -18.00 10.61 6.58
C ILE A 31 -17.59 9.23 7.09
N PHE A 32 -17.26 9.15 8.38
CA PHE A 32 -17.01 7.86 9.05
C PHE A 32 -18.07 6.83 8.72
N LEU A 33 -19.33 7.17 8.98
CA LEU A 33 -20.42 6.22 8.75
C LEU A 33 -20.57 5.89 7.29
N VAL A 34 -20.42 6.87 6.40
CA VAL A 34 -20.36 6.56 4.96
C VAL A 34 -19.21 5.58 4.62
N VAL A 35 -18.03 5.74 5.24
CA VAL A 35 -16.93 4.80 5.03
C VAL A 35 -17.29 3.41 5.57
N VAL A 36 -17.83 3.32 6.79
CA VAL A 36 -18.32 2.04 7.36
C VAL A 36 -19.31 1.38 6.42
N LEU A 37 -20.19 2.18 5.89
CA LEU A 37 -21.19 1.70 4.97
C LEU A 37 -20.52 1.20 3.69
N TYR A 38 -19.51 1.93 3.20
CA TYR A 38 -18.70 1.52 2.01
C TYR A 38 -17.96 0.18 2.21
N LEU A 39 -17.43 -0.03 3.41
CA LEU A 39 -16.79 -1.28 3.80
C LEU A 39 -17.78 -2.48 3.86
N ILE A 40 -18.96 -2.25 4.46
CA ILE A 40 -20.01 -3.29 4.56
C ILE A 40 -20.50 -3.72 3.19
N ILE A 41 -20.81 -2.74 2.34
CA ILE A 41 -21.26 -3.09 1.02
C ILE A 41 -20.16 -3.85 0.32
N GLY A 42 -18.92 -3.36 0.45
CA GLY A 42 -17.76 -3.99 -0.20
C GLY A 42 -17.57 -5.41 0.28
N ALA A 43 -17.62 -5.61 1.60
CA ALA A 43 -17.47 -6.92 2.20
C ALA A 43 -18.49 -7.88 1.60
N THR A 44 -19.77 -7.49 1.57
CA THR A 44 -20.79 -8.42 1.05
C THR A 44 -20.60 -8.71 -0.47
N VAL A 45 -20.23 -7.71 -1.26
CA VAL A 45 -19.91 -7.96 -2.68
C VAL A 45 -18.65 -8.86 -2.89
N PHE A 46 -17.60 -8.67 -2.08
CA PHE A 46 -16.39 -9.51 -2.21
C PHE A 46 -16.71 -10.97 -1.83
N LYS A 47 -17.31 -11.18 -0.67
CA LYS A 47 -17.78 -12.51 -0.21
C LYS A 47 -18.65 -13.23 -1.25
N ALA A 48 -19.63 -12.51 -1.78
CA ALA A 48 -20.43 -13.04 -2.89
C ALA A 48 -19.56 -13.55 -4.03
N LEU A 49 -18.49 -12.81 -4.34
CA LEU A 49 -17.63 -13.11 -5.51
C LEU A 49 -16.52 -14.14 -5.31
N GLU A 50 -16.08 -14.34 -4.07
CA GLU A 50 -14.90 -15.15 -3.76
C GLU A 50 -15.15 -16.39 -2.89
N GLN A 51 -16.14 -16.36 -2.01
CA GLN A 51 -16.48 -17.51 -1.14
C GLN A 51 -16.78 -18.78 -1.96
N PRO A 52 -17.51 -18.64 -3.09
CA PRO A 52 -17.64 -19.72 -4.08
C PRO A 52 -16.33 -20.36 -4.51
N GLN A 53 -15.47 -19.62 -5.19
CA GLN A 53 -14.18 -20.15 -5.71
C GLN A 53 -13.35 -20.79 -4.61
N GLU A 54 -13.43 -20.23 -3.42
CA GLU A 54 -12.74 -20.77 -2.25
C GLU A 54 -13.23 -22.19 -1.90
N ILE A 55 -14.53 -22.40 -2.04
CA ILE A 55 -15.13 -23.70 -1.82
C ILE A 55 -14.71 -24.68 -2.92
N SER A 56 -14.83 -24.25 -4.18
CA SER A 56 -14.41 -25.10 -5.29
C SER A 56 -12.90 -25.41 -5.26
N GLN A 57 -12.07 -24.45 -4.84
CA GLN A 57 -10.63 -24.68 -4.72
C GLN A 57 -10.32 -25.59 -3.55
N ARG A 58 -11.14 -25.57 -2.50
CA ARG A 58 -10.91 -26.42 -1.34
C ARG A 58 -11.29 -27.87 -1.58
N THR A 59 -12.40 -28.10 -2.31
CA THR A 59 -12.79 -29.47 -2.60
C THR A 59 -11.80 -30.14 -3.59
N THR A 60 -11.35 -29.41 -4.61
CA THR A 60 -10.38 -29.99 -5.60
C THR A 60 -8.93 -30.04 -5.11
N ILE A 61 -8.64 -29.44 -3.96
CA ILE A 61 -7.34 -29.62 -3.30
C ILE A 61 -7.42 -30.92 -2.51
N VAL A 62 -8.55 -31.15 -1.83
CA VAL A 62 -8.80 -32.41 -1.12
C VAL A 62 -8.86 -33.61 -2.09
N ILE A 63 -9.42 -33.40 -3.29
CA ILE A 63 -9.39 -34.40 -4.35
C ILE A 63 -7.94 -34.74 -4.70
N GLN A 64 -7.18 -33.78 -5.22
CA GLN A 64 -5.75 -33.96 -5.53
C GLN A 64 -4.92 -34.58 -4.39
N ARG A 65 -5.31 -34.34 -3.13
CA ARG A 65 -4.62 -34.93 -2.00
C ARG A 65 -4.75 -36.45 -2.05
N GLU A 66 -5.99 -36.92 -2.07
CA GLU A 66 -6.31 -38.35 -2.07
C GLU A 66 -5.83 -39.01 -3.37
N LYS A 67 -6.01 -38.32 -4.50
CA LYS A 67 -5.55 -38.77 -5.82
C LYS A 67 -4.02 -38.90 -5.94
N PHE A 68 -3.24 -38.29 -5.04
CA PHE A 68 -1.79 -38.49 -4.99
C PHE A 68 -1.33 -39.53 -3.94
N LEU A 69 -2.13 -39.80 -2.90
CA LEU A 69 -1.84 -40.91 -1.98
C LEU A 69 -2.00 -42.26 -2.68
N ARG A 70 -3.02 -42.39 -3.52
CA ARG A 70 -3.30 -43.59 -4.29
C ARG A 70 -2.48 -43.78 -5.59
N ALA A 71 -2.39 -42.72 -6.40
CA ALA A 71 -1.66 -42.79 -7.68
C ALA A 71 -0.14 -42.77 -7.51
N HIS A 72 0.33 -42.56 -6.28
CA HIS A 72 1.70 -42.83 -5.86
C HIS A 72 1.62 -43.56 -4.49
N PRO A 73 1.38 -44.90 -4.50
CA PRO A 73 1.14 -45.66 -3.26
C PRO A 73 2.37 -45.81 -2.37
N CYS A 74 3.56 -45.73 -2.98
CA CYS A 74 4.86 -45.59 -2.29
C CYS A 74 4.92 -44.58 -1.13
N VAL A 75 4.21 -43.47 -1.28
CA VAL A 75 4.14 -42.44 -0.23
C VAL A 75 3.17 -42.92 0.85
N SER A 76 3.63 -42.95 2.10
CA SER A 76 2.75 -43.23 3.25
C SER A 76 2.03 -41.93 3.55
N ASP A 77 0.76 -42.04 3.95
CA ASP A 77 -0.10 -40.93 4.39
C ASP A 77 0.51 -39.96 5.44
N GLN A 78 1.40 -40.49 6.28
CA GLN A 78 1.96 -39.76 7.40
C GLN A 78 3.13 -38.87 6.98
N GLU A 79 3.84 -39.27 5.93
CA GLU A 79 5.00 -38.51 5.42
C GLU A 79 4.57 -37.30 4.57
N LEU A 80 3.40 -37.36 3.93
CA LEU A 80 2.85 -36.21 3.18
C LEU A 80 2.66 -34.98 4.07
N ASP A 81 2.13 -35.21 5.26
CA ASP A 81 1.92 -34.15 6.25
C ASP A 81 3.25 -33.49 6.65
N GLU A 82 4.32 -34.29 6.74
CA GLU A 82 5.68 -33.77 6.96
C GLU A 82 6.23 -33.00 5.74
N LEU A 83 5.91 -33.49 4.52
CA LEU A 83 6.32 -32.80 3.29
C LEU A 83 5.71 -31.40 3.17
N ILE A 84 4.41 -31.31 3.44
CA ILE A 84 3.68 -30.04 3.38
C ILE A 84 4.21 -29.06 4.43
N GLN A 85 4.47 -29.55 5.64
CA GLN A 85 5.12 -28.74 6.70
C GLN A 85 6.46 -28.14 6.25
N GLN A 86 7.28 -28.94 5.56
CA GLN A 86 8.56 -28.47 5.03
C GLN A 86 8.36 -27.44 3.92
N ILE A 87 7.36 -27.65 3.06
CA ILE A 87 7.03 -26.71 1.99
C ILE A 87 6.57 -25.38 2.58
N VAL A 88 5.48 -25.43 3.34
CA VAL A 88 4.91 -24.27 4.05
C VAL A 88 5.95 -23.51 4.90
N ALA A 89 6.79 -24.23 5.63
CA ALA A 89 7.85 -23.60 6.41
C ALA A 89 8.83 -22.82 5.53
N ALA A 90 9.12 -23.36 4.34
CA ALA A 90 10.07 -22.75 3.40
C ALA A 90 9.45 -21.67 2.49
N ILE A 91 8.13 -21.56 2.50
CA ILE A 91 7.44 -20.40 1.90
C ILE A 91 7.78 -19.12 2.67
N ASN A 92 7.89 -19.25 4.00
CA ASN A 92 8.48 -18.20 4.89
C ASN A 92 10.00 -18.10 4.66
N ALA A 93 10.35 -17.84 3.40
CA ALA A 93 11.73 -17.68 2.91
C ALA A 93 11.74 -17.67 1.36
N GLY A 94 11.28 -18.78 0.76
CA GLY A 94 11.24 -18.99 -0.70
C GLY A 94 11.09 -20.47 -1.12
N SER A 106 18.26 -16.44 -6.96
CA SER A 106 18.23 -15.77 -5.67
C SER A 106 17.37 -14.49 -5.67
N HIS A 107 16.63 -14.35 -4.56
CA HIS A 107 15.74 -13.23 -4.26
C HIS A 107 16.46 -11.92 -3.92
N TRP A 108 17.63 -12.04 -3.29
CA TRP A 108 18.34 -10.87 -2.76
C TRP A 108 19.64 -10.50 -3.49
N ASP A 109 19.69 -10.76 -4.81
CA ASP A 109 20.76 -10.20 -5.62
C ASP A 109 20.60 -8.68 -5.67
N LEU A 110 21.53 -7.97 -6.27
CA LEU A 110 21.52 -6.49 -6.26
C LEU A 110 20.25 -5.93 -6.90
N GLY A 111 19.89 -6.44 -8.07
CA GLY A 111 18.73 -5.94 -8.81
C GLY A 111 17.40 -6.17 -8.11
N SER A 112 17.22 -7.37 -7.59
CA SER A 112 16.07 -7.66 -6.72
C SER A 112 16.06 -6.82 -5.43
N SER A 113 17.21 -6.67 -4.80
CA SER A 113 17.24 -5.89 -3.58
C SER A 113 17.03 -4.36 -3.86
N PHE A 114 17.27 -3.95 -5.10
CA PHE A 114 17.02 -2.58 -5.58
C PHE A 114 15.50 -2.38 -5.76
N PHE A 115 14.90 -3.34 -6.45
CA PHE A 115 13.46 -3.46 -6.55
C PHE A 115 12.83 -3.46 -5.15
N PHE A 116 13.36 -4.25 -4.23
CA PHE A 116 12.84 -4.22 -2.85
C PHE A 116 12.81 -2.79 -2.28
N ALA A 117 13.89 -2.06 -2.45
CA ALA A 117 14.02 -0.74 -1.91
C ALA A 117 12.98 0.23 -2.50
N GLY A 118 12.64 -0.01 -3.77
CA GLY A 118 11.59 0.74 -4.45
C GLY A 118 10.20 0.45 -3.92
N THR A 119 9.94 -0.81 -3.54
CA THR A 119 8.66 -1.14 -2.95
C THR A 119 8.52 -0.48 -1.58
N VAL A 120 9.64 -0.20 -0.90
CA VAL A 120 9.60 0.49 0.38
C VAL A 120 9.28 1.98 0.18
N ILE A 121 10.11 2.70 -0.56
CA ILE A 121 9.97 4.16 -0.63
C ILE A 121 8.70 4.61 -1.34
N THR A 122 8.22 3.85 -2.33
CA THR A 122 6.96 4.13 -3.03
C THR A 122 5.77 3.71 -2.15
N THR A 123 6.06 2.91 -1.13
CA THR A 123 5.07 2.22 -0.36
C THR A 123 4.21 1.25 -1.16
N ILE A 124 4.46 0.97 -2.45
CA ILE A 124 3.78 -0.14 -3.13
C ILE A 124 3.92 -1.45 -2.34
N GLY A 125 5.06 -1.69 -1.74
CA GLY A 125 5.22 -2.79 -0.80
C GLY A 125 4.69 -4.14 -1.23
N PHE A 126 4.88 -4.57 -2.49
CA PHE A 126 4.39 -5.90 -2.99
C PHE A 126 4.52 -7.12 -2.08
N GLY A 127 5.62 -7.29 -1.36
CA GLY A 127 5.70 -8.37 -0.36
C GLY A 127 6.23 -9.74 -0.79
N ASN A 128 6.28 -9.98 -2.10
CA ASN A 128 7.01 -11.13 -2.65
C ASN A 128 8.35 -11.37 -1.95
N ILE A 129 9.08 -10.29 -1.72
CA ILE A 129 10.33 -10.23 -0.96
C ILE A 129 10.14 -9.32 0.27
N SER A 130 10.71 -9.70 1.40
CA SER A 130 10.68 -8.88 2.58
C SER A 130 11.69 -9.41 3.57
N PRO A 131 12.26 -8.51 4.42
CA PRO A 131 13.33 -8.92 5.32
C PRO A 131 12.90 -10.02 6.27
N ARG A 132 13.83 -10.94 6.53
CA ARG A 132 13.65 -12.02 7.51
C ARG A 132 14.55 -11.87 8.72
N THR A 133 15.63 -11.12 8.56
CA THR A 133 16.65 -10.92 9.59
C THR A 133 16.26 -9.80 10.56
N GLU A 134 16.50 -10.01 11.85
CA GLU A 134 16.29 -8.97 12.86
C GLU A 134 16.78 -7.59 12.36
N GLY A 135 17.94 -7.56 11.71
CA GLY A 135 18.57 -6.33 11.24
C GLY A 135 18.18 -5.84 9.87
N GLY A 136 17.67 -6.73 9.03
CA GLY A 136 16.99 -6.31 7.80
C GLY A 136 15.71 -5.56 8.12
N LYS A 137 15.03 -6.01 9.15
CA LYS A 137 13.82 -5.37 9.64
C LYS A 137 14.10 -4.03 10.31
N ILE A 138 15.18 -3.94 11.07
CA ILE A 138 15.56 -2.67 11.70
C ILE A 138 16.00 -1.64 10.64
N PHE A 139 16.67 -2.11 9.61
CA PHE A 139 17.09 -1.22 8.52
C PHE A 139 15.86 -0.77 7.71
N CYS A 140 14.91 -1.69 7.50
CA CYS A 140 13.71 -1.40 6.72
C CYS A 140 12.89 -0.30 7.40
N ILE A 141 12.82 -0.34 8.73
CA ILE A 141 12.14 0.70 9.50
C ILE A 141 12.80 2.06 9.26
N ILE A 142 14.11 2.14 9.44
CA ILE A 142 14.85 3.39 9.21
C ILE A 142 14.74 3.83 7.75
N TYR A 143 14.95 2.88 6.84
CA TYR A 143 14.94 3.15 5.42
C TYR A 143 13.60 3.69 4.94
N ALA A 144 12.52 3.20 5.56
CA ALA A 144 11.17 3.61 5.15
C ALA A 144 10.82 4.99 5.66
N LEU A 145 11.21 5.28 6.91
CA LEU A 145 10.90 6.57 7.53
C LEU A 145 11.59 7.72 6.86
N LEU A 146 12.86 7.55 6.49
CA LEU A 146 13.56 8.55 5.67
C LEU A 146 13.20 8.48 4.19
N GLY A 147 12.99 7.26 3.68
CA GLY A 147 12.81 7.08 2.24
C GLY A 147 11.48 7.54 1.67
N ILE A 148 10.40 7.29 2.41
CA ILE A 148 9.07 7.64 1.95
C ILE A 148 8.91 9.15 1.74
N PRO A 149 9.42 9.97 2.69
CA PRO A 149 9.32 11.42 2.49
C PRO A 149 10.20 11.89 1.35
N LEU A 150 11.42 11.36 1.26
CA LEU A 150 12.29 11.68 0.14
C LEU A 150 11.61 11.35 -1.20
N PHE A 151 11.11 10.13 -1.36
CA PHE A 151 10.45 9.80 -2.63
C PHE A 151 9.27 10.73 -2.93
N GLY A 152 8.60 11.21 -1.88
CA GLY A 152 7.46 12.12 -2.04
C GLY A 152 7.84 13.41 -2.72
N PHE A 153 8.99 13.98 -2.33
CA PHE A 153 9.54 15.13 -3.05
C PHE A 153 9.74 14.83 -4.54
N LEU A 154 10.43 13.72 -4.88
CA LEU A 154 10.57 13.35 -6.30
C LEU A 154 9.23 13.26 -7.01
N LEU A 155 8.31 12.57 -6.35
CA LEU A 155 7.01 12.31 -6.95
C LEU A 155 6.29 13.61 -7.18
N ALA A 156 6.49 14.58 -6.28
CA ALA A 156 5.91 15.92 -6.42
C ALA A 156 6.50 16.67 -7.59
N GLY A 157 7.82 16.65 -7.69
CA GLY A 157 8.55 17.22 -8.80
C GLY A 157 8.10 16.69 -10.14
N VAL A 158 8.00 15.35 -10.20
CA VAL A 158 7.58 14.66 -11.45
C VAL A 158 6.14 15.03 -11.83
N GLY A 159 5.29 15.17 -10.82
CA GLY A 159 3.94 15.58 -11.05
C GLY A 159 3.86 16.97 -11.63
N ASP A 160 4.64 17.92 -11.08
CA ASP A 160 4.70 19.27 -11.65
C ASP A 160 5.13 19.25 -13.15
N GLN A 161 6.18 18.51 -13.48
CA GLN A 161 6.60 18.37 -14.87
C GLN A 161 5.46 17.95 -15.78
N LEU A 162 4.87 16.80 -15.48
CA LEU A 162 3.68 16.35 -16.22
C LEU A 162 2.58 17.40 -16.22
N GLY A 163 2.43 18.13 -15.12
CA GLY A 163 1.48 19.22 -15.03
C GLY A 163 1.65 20.25 -16.12
N THR A 164 2.91 20.67 -16.37
CA THR A 164 3.17 21.73 -17.34
C THR A 164 2.99 21.18 -18.75
N ILE A 165 3.59 20.03 -19.03
CA ILE A 165 3.48 19.36 -20.34
C ILE A 165 2.01 19.18 -20.79
N PHE A 166 1.14 18.77 -19.87
CA PHE A 166 -0.28 18.66 -20.19
C PHE A 166 -0.94 20.03 -20.28
N GLY A 167 -0.53 20.96 -19.42
CA GLY A 167 -1.04 22.35 -19.43
C GLY A 167 -0.78 23.11 -20.72
N LYS A 168 0.39 22.87 -21.33
CA LYS A 168 0.70 23.38 -22.66
C LYS A 168 -0.28 22.84 -23.69
N GLY A 169 -0.39 21.50 -23.75
CA GLY A 169 -1.33 20.82 -24.62
C GLY A 169 -2.80 21.23 -24.51
N ILE A 170 -3.26 21.70 -23.35
CA ILE A 170 -4.66 22.19 -23.23
C ILE A 170 -4.81 23.69 -23.48
N ALA A 171 -3.71 24.44 -23.50
CA ALA A 171 -3.76 25.79 -24.06
C ALA A 171 -4.08 25.69 -25.56
N LYS A 172 -3.41 24.79 -26.27
CA LYS A 172 -3.61 24.57 -27.71
C LYS A 172 -4.97 23.96 -28.10
N VAL A 173 -5.62 23.22 -27.18
CA VAL A 173 -6.93 22.61 -27.45
C VAL A 173 -8.09 23.40 -26.77
N GLU A 174 -7.76 24.43 -26.00
CA GLU A 174 -8.75 25.47 -25.64
C GLU A 174 -8.63 26.74 -26.54
N ASP A 175 -7.74 26.68 -27.54
CA ASP A 175 -7.59 27.71 -28.57
C ASP A 175 -8.31 27.25 -29.85
N THR A 176 -7.95 26.07 -30.35
CA THR A 176 -8.53 25.52 -31.59
C THR A 176 -10.02 25.16 -31.45
N PHE A 177 -10.44 24.75 -30.24
CA PHE A 177 -11.85 24.41 -29.99
C PHE A 177 -12.59 25.58 -29.34
N ILE A 178 -11.93 26.72 -29.09
CA ILE A 178 -12.61 28.00 -28.73
C ILE A 178 -12.28 29.05 -29.83
N LYS A 179 -12.38 28.64 -31.10
CA LYS A 179 -12.54 29.55 -32.24
C LYS A 179 -13.65 28.97 -33.12
N TRP A 180 -14.59 28.22 -32.52
CA TRP A 180 -15.79 27.79 -33.21
C TRP A 180 -16.92 27.42 -32.24
N ASN A 181 -16.96 26.17 -31.78
CA ASN A 181 -18.20 25.58 -31.22
C ASN A 181 -18.54 26.01 -29.76
N VAL A 182 -19.30 25.18 -29.02
CA VAL A 182 -19.93 25.60 -27.74
C VAL A 182 -18.86 26.00 -26.71
N SER A 183 -19.11 27.09 -26.00
CA SER A 183 -18.06 27.92 -25.39
C SER A 183 -17.85 27.68 -23.87
N GLN A 184 -17.76 28.70 -23.01
CA GLN A 184 -17.06 28.59 -21.72
C GLN A 184 -17.77 27.81 -20.62
N THR A 185 -16.96 27.04 -19.88
CA THR A 185 -17.34 26.27 -18.64
C THR A 185 -17.75 24.79 -18.91
N LYS A 186 -18.42 24.56 -20.04
CA LYS A 186 -18.61 23.21 -20.61
C LYS A 186 -17.33 22.61 -21.21
N ILE A 187 -16.37 23.46 -21.60
CA ILE A 187 -15.08 22.99 -22.15
C ILE A 187 -14.09 22.60 -21.04
N ARG A 188 -14.36 22.95 -19.79
CA ARG A 188 -13.65 22.38 -18.64
C ARG A 188 -13.87 20.85 -18.59
N ILE A 189 -15.10 20.44 -18.86
CA ILE A 189 -15.49 19.02 -18.93
C ILE A 189 -14.73 18.27 -20.04
N ILE A 190 -14.50 18.90 -21.19
CA ILE A 190 -13.83 18.25 -22.32
C ILE A 190 -12.34 18.05 -22.04
N SER A 191 -11.72 19.04 -21.43
CA SER A 191 -10.30 18.97 -21.08
C SER A 191 -10.03 17.82 -20.11
N THR A 192 -10.83 17.71 -19.05
CA THR A 192 -10.69 16.58 -18.10
C THR A 192 -10.91 15.20 -18.74
N ILE A 193 -11.82 15.10 -19.71
CA ILE A 193 -12.01 13.85 -20.44
C ILE A 193 -10.75 13.51 -21.21
N ILE A 194 -10.12 14.49 -21.83
CA ILE A 194 -8.90 14.23 -22.62
C ILE A 194 -7.75 13.80 -21.71
N PHE A 195 -7.70 14.38 -20.49
CA PHE A 195 -6.74 13.99 -19.45
C PHE A 195 -6.89 12.51 -18.99
N ILE A 196 -8.13 12.08 -18.82
CA ILE A 196 -8.41 10.69 -18.47
C ILE A 196 -8.11 9.78 -19.64
N LEU A 197 -8.56 10.14 -20.82
CA LEU A 197 -8.43 9.28 -21.99
C LEU A 197 -6.97 9.12 -22.43
N PHE A 198 -6.27 10.24 -22.62
CA PHE A 198 -4.84 10.19 -23.00
C PHE A 198 -4.00 9.57 -21.89
N GLY A 199 -4.33 9.90 -20.65
CA GLY A 199 -3.63 9.31 -19.51
C GLY A 199 -3.80 7.81 -19.40
N CYS A 200 -5.01 7.31 -19.68
CA CYS A 200 -5.27 5.87 -19.61
C CYS A 200 -4.57 5.13 -20.69
N VAL A 201 -4.42 5.76 -21.85
CA VAL A 201 -3.69 5.15 -22.97
C VAL A 201 -2.20 5.04 -22.59
N LEU A 202 -1.60 6.18 -22.23
CA LEU A 202 -0.17 6.25 -21.89
C LEU A 202 0.20 5.45 -20.63
N PHE A 203 -0.65 5.48 -19.60
CA PHE A 203 -0.26 4.96 -18.27
C PHE A 203 -0.94 3.66 -17.81
N VAL A 204 -2.06 3.28 -18.45
CA VAL A 204 -2.76 2.02 -18.13
C VAL A 204 -2.74 1.02 -19.32
N ALA A 205 -3.45 1.35 -20.41
CA ALA A 205 -3.55 0.51 -21.62
C ALA A 205 -2.22 0.10 -22.24
N LEU A 206 -1.40 1.06 -22.66
CA LEU A 206 -0.15 0.73 -23.31
C LEU A 206 0.67 -0.20 -22.42
N PRO A 207 0.96 0.20 -21.16
CA PRO A 207 1.74 -0.75 -20.35
C PRO A 207 1.07 -2.11 -20.08
N ALA A 208 -0.26 -2.15 -20.08
CA ALA A 208 -0.96 -3.42 -19.91
C ALA A 208 -0.69 -4.31 -21.10
N VAL A 209 -0.74 -3.75 -22.30
CA VAL A 209 -0.41 -4.47 -23.53
C VAL A 209 0.97 -5.12 -23.39
N ILE A 210 1.97 -4.32 -23.04
CA ILE A 210 3.33 -4.85 -22.88
C ILE A 210 3.36 -5.95 -21.83
N PHE A 211 2.74 -5.71 -20.67
CA PHE A 211 2.75 -6.65 -19.54
C PHE A 211 2.14 -7.99 -19.94
N LYS A 212 1.03 -7.94 -20.68
CA LYS A 212 0.35 -9.13 -21.23
C LYS A 212 1.32 -9.98 -22.05
N HIS A 213 1.94 -9.35 -23.05
CA HIS A 213 2.93 -10.04 -23.90
C HIS A 213 4.18 -10.49 -23.13
N ILE A 214 4.79 -9.62 -22.33
CA ILE A 214 6.03 -9.97 -21.64
C ILE A 214 5.86 -10.95 -20.46
N GLU A 215 4.79 -10.80 -19.68
CA GLU A 215 4.57 -11.66 -18.48
C GLU A 215 3.68 -12.85 -18.78
N GLY A 216 2.93 -12.80 -19.88
CA GLY A 216 1.96 -13.84 -20.15
C GLY A 216 0.70 -13.77 -19.30
N TRP A 217 0.40 -12.61 -18.74
CA TRP A 217 -0.83 -12.42 -17.97
C TRP A 217 -1.98 -12.19 -18.93
N SER A 218 -3.20 -12.49 -18.49
CA SER A 218 -4.40 -12.05 -19.23
C SER A 218 -4.45 -10.53 -19.34
N ALA A 219 -5.27 -10.01 -20.22
CA ALA A 219 -5.41 -8.58 -20.33
C ALA A 219 -6.01 -8.02 -19.05
N LEU A 220 -6.98 -8.73 -18.47
CA LEU A 220 -7.57 -8.30 -17.20
C LEU A 220 -6.55 -8.34 -16.05
N ASP A 221 -5.77 -9.40 -15.97
CA ASP A 221 -4.78 -9.45 -14.93
C ASP A 221 -3.80 -8.29 -15.02
N ALA A 222 -3.39 -7.92 -16.23
CA ALA A 222 -2.48 -6.78 -16.44
C ALA A 222 -3.06 -5.42 -16.01
N ILE A 223 -4.32 -5.18 -16.32
CA ILE A 223 -4.97 -3.94 -15.93
C ILE A 223 -5.10 -3.88 -14.41
N TYR A 224 -5.55 -5.00 -13.84
CA TYR A 224 -5.57 -5.21 -12.40
C TYR A 224 -4.20 -4.91 -11.84
N PHE A 225 -3.17 -5.52 -12.42
CA PHE A 225 -1.79 -5.25 -11.95
C PHE A 225 -1.47 -3.76 -11.96
N VAL A 226 -1.80 -3.10 -13.06
CA VAL A 226 -1.52 -1.66 -13.20
C VAL A 226 -2.19 -0.85 -12.10
N VAL A 227 -3.47 -1.13 -11.85
CA VAL A 227 -4.27 -0.36 -10.90
C VAL A 227 -3.84 -0.64 -9.46
N ILE A 228 -3.57 -1.91 -9.16
CA ILE A 228 -3.15 -2.29 -7.81
C ILE A 228 -1.76 -1.73 -7.54
N THR A 229 -0.90 -1.67 -8.55
CA THR A 229 0.41 -1.08 -8.38
C THR A 229 0.40 0.45 -8.29
N LEU A 230 -0.30 1.14 -9.20
CA LEU A 230 -0.19 2.60 -9.25
C LEU A 230 -1.01 3.36 -8.18
N THR A 231 -2.12 2.76 -7.71
CA THR A 231 -2.80 3.25 -6.49
C THR A 231 -1.96 3.00 -5.26
N THR A 232 -0.94 2.19 -5.40
CA THR A 232 -0.03 1.74 -4.36
C THR A 232 -0.65 0.73 -3.40
N ILE A 233 -1.78 0.10 -3.76
CA ILE A 233 -2.32 -0.97 -2.93
C ILE A 233 -1.29 -2.06 -2.89
N GLY A 234 -0.84 -2.54 -4.04
CA GLY A 234 0.28 -3.45 -4.13
C GLY A 234 0.12 -4.80 -3.47
N PHE A 235 -1.03 -5.46 -3.64
CA PHE A 235 -1.22 -6.82 -3.10
C PHE A 235 -0.01 -7.73 -3.28
N GLY A 236 0.64 -7.72 -4.44
CA GLY A 236 1.74 -8.67 -4.68
C GLY A 236 1.32 -10.02 -5.28
N ASP A 237 0.02 -10.20 -5.56
CA ASP A 237 -0.40 -11.35 -6.32
C ASP A 237 0.18 -11.39 -7.75
N TYR A 238 0.53 -10.23 -8.30
CA TYR A 238 1.21 -10.07 -9.58
C TYR A 238 2.32 -9.02 -9.43
N VAL A 239 3.47 -9.29 -10.02
CA VAL A 239 4.66 -8.42 -9.94
C VAL A 239 5.47 -8.44 -11.26
N ALA A 240 5.46 -7.33 -11.99
CA ALA A 240 6.26 -7.22 -13.20
C ALA A 240 7.73 -7.48 -12.86
N GLY A 241 8.38 -8.29 -13.71
CA GLY A 241 9.76 -8.70 -13.50
C GLY A 241 9.92 -9.76 -12.45
N GLY A 242 8.83 -10.39 -12.07
CA GLY A 242 8.81 -11.26 -10.88
C GLY A 242 8.86 -12.76 -11.11
N SER A 243 8.64 -13.23 -12.34
CA SER A 243 8.85 -14.64 -12.65
C SER A 243 10.31 -14.87 -13.03
N ASP A 244 10.68 -16.15 -13.13
CA ASP A 244 11.95 -16.62 -13.72
C ASP A 244 11.75 -16.79 -15.22
N ILE A 245 11.50 -15.68 -15.90
CA ILE A 245 11.41 -15.58 -17.33
C ILE A 245 12.73 -14.88 -17.64
N GLU A 246 13.18 -14.99 -18.89
CA GLU A 246 14.27 -14.10 -19.38
C GLU A 246 13.65 -12.78 -19.87
N TYR A 247 14.23 -11.68 -19.42
CA TYR A 247 13.69 -10.36 -19.66
C TYR A 247 14.77 -9.57 -20.40
N LEU A 248 14.36 -8.79 -21.38
CA LEU A 248 15.29 -7.88 -22.06
C LEU A 248 15.51 -6.72 -21.10
N ASP A 249 16.76 -6.42 -20.74
CA ASP A 249 16.95 -5.37 -19.70
C ASP A 249 16.91 -3.94 -20.21
N PHE A 250 16.12 -3.68 -21.24
CA PHE A 250 15.43 -2.43 -21.34
C PHE A 250 14.18 -2.50 -20.41
N TYR A 251 13.53 -3.67 -20.31
CA TYR A 251 12.20 -3.86 -19.64
C TYR A 251 12.04 -3.30 -18.22
N LYS A 252 12.81 -3.81 -17.26
CA LYS A 252 12.69 -3.32 -15.91
C LYS A 252 12.94 -1.80 -15.81
N PRO A 253 13.99 -1.29 -16.47
CA PRO A 253 14.19 0.15 -16.52
C PRO A 253 12.95 0.91 -16.97
N VAL A 254 12.30 0.42 -18.02
CA VAL A 254 11.13 1.09 -18.53
C VAL A 254 9.99 0.99 -17.48
N VAL A 255 9.91 -0.15 -16.80
CA VAL A 255 8.89 -0.33 -15.77
C VAL A 255 9.13 0.68 -14.63
N TRP A 256 10.39 0.79 -14.17
CA TRP A 256 10.76 1.80 -13.19
C TRP A 256 10.29 3.17 -13.59
N PHE A 257 10.47 3.52 -14.84
CA PHE A 257 10.08 4.83 -15.33
C PHE A 257 8.57 4.96 -15.30
N TRP A 258 7.88 3.91 -15.74
CA TRP A 258 6.41 3.85 -15.65
C TRP A 258 5.89 3.98 -14.21
N ILE A 259 6.58 3.38 -13.27
CA ILE A 259 6.25 3.54 -11.86
C ILE A 259 6.31 5.01 -11.48
N LEU A 260 7.39 5.66 -11.84
CA LEU A 260 7.61 7.05 -11.47
C LEU A 260 6.51 7.97 -12.03
N VAL A 261 6.13 7.75 -13.28
CA VAL A 261 5.23 8.65 -13.96
C VAL A 261 3.78 8.21 -13.71
N GLY A 262 3.56 6.90 -13.64
CA GLY A 262 2.26 6.31 -13.31
C GLY A 262 1.81 6.67 -11.91
N LEU A 263 2.70 6.57 -10.93
CA LEU A 263 2.36 7.07 -9.60
C LEU A 263 1.87 8.57 -9.61
N ALA A 264 2.56 9.44 -10.34
CA ALA A 264 2.14 10.84 -10.39
C ALA A 264 0.77 10.99 -11.01
N TYR A 265 0.53 10.24 -12.08
CA TYR A 265 -0.73 10.31 -12.80
C TYR A 265 -1.91 9.80 -11.94
N PHE A 266 -1.73 8.65 -11.29
CA PHE A 266 -2.74 8.13 -10.38
C PHE A 266 -2.99 9.05 -9.16
N ALA A 267 -1.94 9.72 -8.71
CA ALA A 267 -2.11 10.69 -7.66
C ALA A 267 -3.10 11.78 -8.08
N ALA A 268 -2.88 12.31 -9.27
CA ALA A 268 -3.73 13.33 -9.85
C ALA A 268 -5.17 12.83 -10.02
N VAL A 269 -5.34 11.63 -10.57
CA VAL A 269 -6.65 11.05 -10.85
C VAL A 269 -7.39 10.79 -9.56
N LEU A 270 -6.72 10.12 -8.63
CA LEU A 270 -7.30 9.89 -7.32
C LEU A 270 -7.76 11.23 -6.73
N SER A 271 -6.92 12.23 -6.89
CA SER A 271 -7.23 13.55 -6.45
C SER A 271 -8.45 14.13 -7.17
N MET A 272 -8.56 13.91 -8.48
CA MET A 272 -9.75 14.39 -9.22
C MET A 272 -11.02 13.76 -8.69
N ILE A 273 -11.01 12.45 -8.53
CA ILE A 273 -12.16 11.70 -8.02
C ILE A 273 -12.61 12.28 -6.68
N GLY A 274 -11.64 12.66 -5.87
CA GLY A 274 -11.94 13.30 -4.60
C GLY A 274 -12.77 14.54 -4.78
N ASP A 275 -12.36 15.39 -5.72
CA ASP A 275 -13.13 16.59 -6.08
C ASP A 275 -14.53 16.26 -6.60
N TRP A 276 -14.66 15.26 -7.45
CA TRP A 276 -15.98 14.79 -7.87
C TRP A 276 -16.87 14.40 -6.68
N LEU A 277 -16.32 13.69 -5.70
CA LEU A 277 -17.08 13.33 -4.49
C LEU A 277 -17.45 14.56 -3.65
N ARG A 278 -16.58 15.56 -3.65
CA ARG A 278 -16.86 16.79 -2.94
C ARG A 278 -18.10 17.46 -3.58
N VAL A 279 -18.07 17.54 -4.91
CA VAL A 279 -19.19 18.05 -5.72
C VAL A 279 -20.47 17.26 -5.46
N ILE A 280 -20.44 15.97 -5.74
CA ILE A 280 -21.60 15.10 -5.57
C ILE A 280 -22.14 15.14 -4.14
N ALA A 281 -21.28 15.40 -3.17
CA ALA A 281 -21.75 15.58 -1.82
C ALA A 281 -22.58 16.86 -1.67
N LYS A 282 -22.14 17.97 -2.28
CA LYS A 282 -22.90 19.26 -2.31
C LYS A 282 -24.26 19.01 -2.89
N LYS A 283 -24.29 18.33 -4.03
CA LYS A 283 -25.51 18.10 -4.77
C LYS A 283 -26.48 17.21 -3.98
N THR A 284 -26.01 16.11 -3.41
CA THR A 284 -26.91 15.22 -2.67
C THR A 284 -27.48 15.96 -1.43
N LYS A 285 -26.69 16.84 -0.85
CA LYS A 285 -27.17 17.63 0.26
C LYS A 285 -28.32 18.55 -0.20
N GLU A 286 -28.21 19.11 -1.42
CA GLU A 286 -29.24 20.01 -1.97
C GLU A 286 -30.49 19.27 -2.43
N ALA A 287 -30.30 18.10 -3.06
CA ALA A 287 -31.42 17.22 -3.42
C ALA A 287 -32.22 16.74 -2.19
N VAL A 288 -31.53 16.36 -1.13
CA VAL A 288 -32.25 15.98 0.10
C VAL A 288 -33.00 17.20 0.63
N GLY A 289 -32.38 18.36 0.56
CA GLY A 289 -33.03 19.61 0.99
C GLY A 289 -34.22 20.04 0.16
N GLU A 290 -34.13 19.83 -1.16
CA GLU A 290 -35.27 20.03 -2.08
C GLU A 290 -36.33 19.06 -1.67
N PHE A 291 -36.00 17.78 -1.67
CA PHE A 291 -36.95 16.75 -1.30
C PHE A 291 -37.68 17.09 0.00
N ARG A 292 -36.96 17.61 0.99
CA ARG A 292 -37.60 18.03 2.23
C ARG A 292 -38.55 19.21 2.01
N ALA A 293 -38.09 20.27 1.35
CA ALA A 293 -38.89 21.50 1.19
C ALA A 293 -40.24 21.29 0.48
N HIS A 294 -40.27 20.37 -0.49
CA HIS A 294 -41.43 20.14 -1.31
C HIS A 294 -42.39 19.17 -0.62
N ALA A 295 -41.88 18.03 -0.16
CA ALA A 295 -42.60 17.12 0.77
C ALA A 295 -43.32 17.86 1.91
N ALA A 296 -42.62 18.81 2.52
CA ALA A 296 -43.16 19.69 3.56
C ALA A 296 -44.40 20.45 3.07
N GLU A 297 -44.24 21.40 2.15
CA GLU A 297 -45.39 22.18 1.66
C GLU A 297 -46.34 21.41 0.74
N TRP A 298 -46.10 20.13 0.54
CA TRP A 298 -47.15 19.20 0.16
C TRP A 298 -47.96 18.81 1.41
N THR A 299 -47.25 18.42 2.48
CA THR A 299 -47.85 17.98 3.75
C THR A 299 -48.58 19.10 4.52
N ALA A 300 -48.04 20.31 4.48
CA ALA A 300 -48.71 21.49 5.08
C ALA A 300 -50.03 21.76 4.37
N ASN A 301 -50.02 21.64 3.05
CA ASN A 301 -51.23 21.78 2.24
C ASN A 301 -52.25 20.65 2.52
N VAL A 302 -51.74 19.45 2.84
CA VAL A 302 -52.48 18.30 3.41
C VAL A 302 -53.69 17.79 2.61
N SER B 16 8.93 35.67 -17.64
CA SER B 16 9.80 34.52 -17.29
C SER B 16 9.04 33.34 -16.65
N ASP B 17 8.02 32.84 -17.35
CA ASP B 17 7.31 31.56 -17.00
C ASP B 17 8.25 30.36 -17.20
N SER B 18 9.09 30.42 -18.24
CA SER B 18 10.11 29.42 -18.51
C SER B 18 11.23 29.42 -17.47
N ALA B 19 11.48 30.56 -16.80
CA ALA B 19 12.63 30.69 -15.91
C ALA B 19 12.48 29.87 -14.61
N ILE B 20 11.29 29.94 -14.01
CA ILE B 20 10.98 29.12 -12.81
C ILE B 20 10.90 27.65 -13.19
N ASN B 21 10.29 27.32 -14.32
CA ASN B 21 10.24 25.94 -14.84
C ASN B 21 11.61 25.34 -15.15
N VAL B 22 12.57 26.18 -15.51
CA VAL B 22 13.95 25.74 -15.69
C VAL B 22 14.55 25.46 -14.31
N MET B 23 14.35 26.38 -13.37
CA MET B 23 14.86 26.20 -12.00
C MET B 23 14.24 24.96 -11.35
N LYS B 24 12.94 24.77 -11.60
CA LYS B 24 12.22 23.56 -11.20
C LYS B 24 12.86 22.29 -11.73
N TRP B 25 12.82 22.07 -13.06
CA TRP B 25 13.48 20.91 -13.65
C TRP B 25 14.91 20.69 -13.14
N LYS B 26 15.62 21.76 -12.82
CA LYS B 26 16.96 21.59 -12.26
C LYS B 26 16.89 20.83 -10.94
N THR B 27 15.98 21.26 -10.08
CA THR B 27 15.80 20.69 -8.73
C THR B 27 15.29 19.25 -8.78
N VAL B 28 14.25 18.99 -9.58
CA VAL B 28 13.76 17.63 -9.84
C VAL B 28 14.89 16.66 -10.25
N SER B 29 15.71 17.10 -11.20
CA SER B 29 16.84 16.29 -11.67
C SER B 29 17.80 15.93 -10.55
N THR B 30 18.04 16.87 -9.64
CA THR B 30 18.97 16.61 -8.55
C THR B 30 18.33 15.68 -7.51
N ILE B 31 17.01 15.84 -7.27
CA ILE B 31 16.33 14.98 -6.28
C ILE B 31 16.27 13.57 -6.84
N PHE B 32 15.92 13.47 -8.14
CA PHE B 32 15.98 12.21 -8.87
C PHE B 32 17.28 11.44 -8.59
N LEU B 33 18.41 12.09 -8.85
CA LEU B 33 19.68 11.42 -8.68
C LEU B 33 19.95 11.07 -7.22
N VAL B 34 19.59 11.95 -6.30
CA VAL B 34 19.66 11.58 -4.89
C VAL B 34 18.80 10.34 -4.56
N VAL B 35 17.61 10.24 -5.15
CA VAL B 35 16.77 9.05 -4.95
C VAL B 35 17.43 7.80 -5.54
N VAL B 36 17.95 7.88 -6.77
CA VAL B 36 18.72 6.76 -7.36
C VAL B 36 19.85 6.31 -6.42
N LEU B 37 20.55 7.31 -5.90
CA LEU B 37 21.61 7.05 -4.98
C LEU B 37 21.10 6.36 -3.71
N TYR B 38 19.96 6.85 -3.19
CA TYR B 38 19.29 6.25 -1.99
C TYR B 38 18.88 4.77 -2.19
N LEU B 39 18.40 4.46 -3.40
CA LEU B 39 18.05 3.09 -3.78
C LEU B 39 19.29 2.16 -3.87
N ILE B 40 20.38 2.65 -4.46
CA ILE B 40 21.63 1.88 -4.58
C ILE B 40 22.22 1.56 -3.20
N ILE B 41 22.30 2.57 -2.36
CA ILE B 41 22.84 2.32 -1.04
C ILE B 41 21.95 1.30 -0.34
N GLY B 42 20.63 1.51 -0.45
CA GLY B 42 19.64 0.62 0.17
C GLY B 42 19.78 -0.81 -0.31
N ALA B 43 19.87 -0.96 -1.62
CA ALA B 43 20.02 -2.27 -2.25
C ALA B 43 21.24 -2.99 -1.65
N THR B 44 22.40 -2.31 -1.63
CA THR B 44 23.61 -2.99 -1.15
C THR B 44 23.52 -3.35 0.36
N VAL B 45 22.93 -2.49 1.18
CA VAL B 45 22.71 -2.84 2.59
C VAL B 45 21.71 -4.01 2.79
N PHE B 46 20.62 -4.05 2.00
CA PHE B 46 19.65 -5.16 2.14
C PHE B 46 20.27 -6.50 1.73
N LYS B 47 20.88 -6.53 0.54
CA LYS B 47 21.66 -7.69 0.04
C LYS B 47 22.66 -8.21 1.08
N ALA B 48 23.47 -7.31 1.61
CA ALA B 48 24.41 -7.68 2.66
C ALA B 48 23.70 -8.39 3.83
N LEU B 49 22.50 -7.91 4.18
CA LEU B 49 21.76 -8.41 5.35
C LEU B 49 20.92 -9.69 5.16
N GLU B 50 20.52 -9.98 3.93
CA GLU B 50 19.55 -11.06 3.65
C GLU B 50 20.10 -12.21 2.79
N GLN B 51 20.97 -11.88 1.81
CA GLN B 51 21.49 -12.85 0.83
C GLN B 51 22.18 -14.04 1.52
N PRO B 52 22.97 -13.79 2.60
CA PRO B 52 23.50 -14.90 3.42
C PRO B 52 22.47 -15.91 3.89
N GLN B 53 21.53 -15.50 4.74
CA GLN B 53 20.53 -16.42 5.31
C GLN B 53 19.75 -17.14 4.23
N GLU B 54 19.52 -16.45 3.13
CA GLU B 54 18.83 -17.05 1.98
C GLU B 54 19.62 -18.21 1.36
N ILE B 55 20.96 -18.08 1.35
CA ILE B 55 21.84 -19.14 0.87
C ILE B 55 21.83 -20.30 1.85
N SER B 56 21.99 -20.01 3.14
CA SER B 56 21.94 -21.09 4.15
C SER B 56 20.57 -21.79 4.18
N GLN B 57 19.48 -21.04 3.98
CA GLN B 57 18.16 -21.66 3.92
C GLN B 57 17.95 -22.46 2.65
N ARG B 58 18.61 -22.07 1.57
CA ARG B 58 18.50 -22.80 0.30
C ARG B 58 19.31 -24.09 0.26
N THR B 59 20.49 -24.10 0.88
CA THR B 59 21.27 -25.34 0.91
C THR B 59 20.61 -26.37 1.85
N THR B 60 20.05 -25.96 3.00
CA THR B 60 19.36 -26.91 3.91
C THR B 60 17.93 -27.28 3.48
N ILE B 61 17.40 -26.62 2.45
CA ILE B 61 16.16 -27.05 1.80
C ILE B 61 16.53 -28.15 0.80
N VAL B 62 17.61 -27.96 0.07
CA VAL B 62 18.16 -29.00 -0.84
C VAL B 62 18.61 -30.26 -0.08
N ILE B 63 19.14 -30.09 1.14
CA ILE B 63 19.43 -31.22 2.03
C ILE B 63 18.12 -31.98 2.34
N GLN B 64 17.18 -31.33 3.01
CA GLN B 64 15.86 -31.93 3.31
C GLN B 64 15.15 -32.56 2.07
N ARG B 65 15.41 -32.02 0.88
CA ARG B 65 14.85 -32.54 -0.37
C ARG B 65 15.33 -33.96 -0.59
N GLU B 66 16.65 -34.15 -0.59
CA GLU B 66 17.29 -35.46 -0.78
C GLU B 66 16.79 -36.55 0.18
N LYS B 67 16.63 -36.22 1.47
CA LYS B 67 16.12 -37.17 2.47
C LYS B 67 14.69 -37.71 2.19
N PHE B 68 13.89 -36.99 1.41
CA PHE B 68 12.60 -37.54 0.90
C PHE B 68 12.52 -37.71 -0.63
N LEU B 69 13.52 -37.24 -1.37
CA LEU B 69 13.63 -37.55 -2.82
C LEU B 69 13.90 -39.03 -3.05
N ARG B 70 14.82 -39.57 -2.24
CA ARG B 70 15.39 -40.91 -2.43
C ARG B 70 14.86 -41.91 -1.40
N ALA B 71 14.38 -41.47 -0.24
CA ALA B 71 13.66 -42.34 0.70
C ALA B 71 12.24 -42.70 0.21
N HIS B 72 11.80 -42.09 -0.90
CA HIS B 72 10.64 -42.56 -1.66
C HIS B 72 10.97 -42.56 -3.17
N PRO B 73 11.77 -43.54 -3.66
CA PRO B 73 12.17 -43.56 -5.09
C PRO B 73 11.03 -43.87 -6.08
N CYS B 74 10.02 -44.60 -5.59
CA CYS B 74 8.86 -44.98 -6.40
C CYS B 74 8.03 -43.78 -6.86
N VAL B 75 8.13 -42.63 -6.18
CA VAL B 75 7.51 -41.38 -6.65
C VAL B 75 8.34 -40.84 -7.81
N SER B 76 7.66 -40.58 -8.92
CA SER B 76 8.27 -40.15 -10.19
C SER B 76 9.30 -39.01 -10.11
N ASP B 77 9.20 -38.19 -9.07
CA ASP B 77 10.31 -37.30 -8.65
C ASP B 77 10.45 -36.04 -9.53
N GLN B 78 10.18 -36.11 -10.84
CA GLN B 78 9.78 -34.91 -11.60
C GLN B 78 8.34 -34.49 -11.25
N GLU B 79 7.53 -35.45 -10.82
CA GLU B 79 6.14 -35.21 -10.38
C GLU B 79 6.06 -34.60 -8.97
N LEU B 80 7.07 -34.81 -8.12
CA LEU B 80 7.26 -34.02 -6.88
C LEU B 80 7.28 -32.52 -7.14
N ASP B 81 8.01 -32.11 -8.16
CA ASP B 81 8.09 -30.70 -8.53
C ASP B 81 6.72 -30.13 -8.93
N GLU B 82 5.89 -30.95 -9.57
CA GLU B 82 4.49 -30.61 -9.87
C GLU B 82 3.60 -30.58 -8.62
N LEU B 83 3.85 -31.49 -7.67
CA LEU B 83 3.13 -31.50 -6.38
C LEU B 83 3.36 -30.23 -5.58
N ILE B 84 4.63 -29.82 -5.49
CA ILE B 84 5.03 -28.61 -4.76
C ILE B 84 4.42 -27.35 -5.43
N GLN B 85 4.44 -27.30 -6.76
CA GLN B 85 3.77 -26.22 -7.52
C GLN B 85 2.27 -26.10 -7.17
N GLN B 86 1.59 -27.24 -7.06
CA GLN B 86 0.17 -27.26 -6.68
C GLN B 86 -0.02 -26.79 -5.23
N ILE B 87 0.89 -27.20 -4.33
CA ILE B 87 0.83 -26.79 -2.93
C ILE B 87 1.05 -25.27 -2.82
N VAL B 88 2.21 -24.82 -3.28
CA VAL B 88 2.59 -23.38 -3.32
C VAL B 88 1.52 -22.51 -3.99
N ALA B 89 0.98 -22.96 -5.12
CA ALA B 89 -0.09 -22.22 -5.80
C ALA B 89 -1.33 -22.04 -4.89
N ALA B 90 -1.64 -23.08 -4.13
CA ALA B 90 -2.80 -23.09 -3.23
C ALA B 90 -2.57 -22.44 -1.85
N ILE B 91 -1.31 -22.16 -1.52
CA ILE B 91 -0.96 -21.36 -0.35
C ILE B 91 -1.44 -19.92 -0.56
N ASN B 92 -1.35 -19.40 -1.80
CA ASN B 92 -1.84 -18.06 -2.15
C ASN B 92 -3.33 -17.83 -1.84
N ALA B 93 -4.15 -18.83 -2.16
CA ALA B 93 -5.53 -18.95 -1.72
C ALA B 93 -5.56 -19.15 -0.20
N GLY B 94 -4.76 -20.08 0.32
CA GLY B 94 -4.65 -20.29 1.77
C GLY B 94 -5.28 -21.58 2.25
N ILE B 95 -4.84 -22.68 1.67
CA ILE B 95 -5.29 -24.01 2.06
C ILE B 95 -4.39 -24.55 3.14
N ILE B 96 -4.93 -25.46 3.95
CA ILE B 96 -4.19 -26.15 5.01
C ILE B 96 -4.32 -27.67 4.71
N PRO B 97 -3.81 -28.12 3.54
CA PRO B 97 -4.17 -29.44 3.00
C PRO B 97 -3.67 -30.63 3.83
N LEU B 98 -4.28 -30.82 5.00
CA LEU B 98 -3.93 -31.91 5.93
C LEU B 98 -5.19 -32.72 6.26
N GLY B 99 -4.99 -33.96 6.72
CA GLY B 99 -6.07 -34.85 7.17
C GLY B 99 -6.41 -34.65 8.63
N ALA B 100 -5.38 -34.38 9.44
CA ALA B 100 -5.54 -34.03 10.86
C ALA B 100 -6.19 -32.64 11.08
N SER B 101 -6.21 -31.81 10.04
CA SER B 101 -6.91 -30.52 10.07
C SER B 101 -7.62 -30.22 8.72
N SER B 102 -8.51 -31.13 8.31
CA SER B 102 -9.24 -31.02 7.04
C SER B 102 -10.46 -30.11 7.10
N ASN B 103 -10.95 -29.82 8.32
CA ASN B 103 -12.04 -28.84 8.54
C ASN B 103 -11.45 -27.46 8.88
N GLN B 104 -11.99 -26.41 8.28
CA GLN B 104 -11.37 -25.07 8.27
C GLN B 104 -12.38 -23.93 8.41
N VAL B 105 -11.87 -22.74 8.72
CA VAL B 105 -12.65 -21.49 8.68
C VAL B 105 -12.51 -21.00 7.23
N SER B 106 -13.31 -20.02 6.82
CA SER B 106 -13.15 -19.36 5.52
C SER B 106 -12.33 -18.09 5.61
N HIS B 107 -11.53 -17.85 4.56
CA HIS B 107 -10.85 -16.56 4.30
C HIS B 107 -11.78 -15.48 3.79
N TRP B 108 -12.89 -15.83 3.14
CA TRP B 108 -13.80 -14.84 2.59
C TRP B 108 -15.17 -14.71 3.28
N ASP B 109 -15.20 -15.02 4.57
CA ASP B 109 -16.38 -14.75 5.38
C ASP B 109 -16.53 -13.23 5.49
N LEU B 110 -17.60 -12.74 6.13
CA LEU B 110 -17.89 -11.29 6.12
C LEU B 110 -16.78 -10.49 6.76
N GLY B 111 -16.31 -10.93 7.93
CA GLY B 111 -15.29 -10.20 8.68
C GLY B 111 -13.94 -10.12 7.98
N SER B 112 -13.49 -11.24 7.43
CA SER B 112 -12.31 -11.25 6.59
C SER B 112 -12.48 -10.41 5.32
N SER B 113 -13.64 -10.52 4.66
CA SER B 113 -13.84 -9.76 3.44
C SER B 113 -14.00 -8.22 3.76
N PHE B 114 -14.33 -7.90 5.00
CA PHE B 114 -14.40 -6.51 5.50
C PHE B 114 -12.98 -5.98 5.71
N PHE B 115 -12.17 -6.78 6.38
CA PHE B 115 -10.71 -6.56 6.48
C PHE B 115 -10.13 -6.37 5.08
N PHE B 116 -10.45 -7.25 4.14
CA PHE B 116 -9.97 -7.09 2.77
C PHE B 116 -10.27 -5.68 2.22
N ALA B 117 -11.50 -5.24 2.39
CA ALA B 117 -11.94 -3.96 1.88
C ALA B 117 -11.15 -2.79 2.50
N GLY B 118 -10.77 -2.97 3.77
CA GLY B 118 -9.93 -2.02 4.47
C GLY B 118 -8.51 -1.94 3.93
N THR B 119 -7.95 -3.08 3.54
CA THR B 119 -6.64 -3.10 2.93
C THR B 119 -6.68 -2.39 1.56
N VAL B 120 -7.82 -2.38 0.89
CA VAL B 120 -7.94 -1.68 -0.37
C VAL B 120 -8.02 -0.16 -0.16
N ILE B 121 -9.00 0.32 0.60
CA ILE B 121 -9.23 1.78 0.69
C ILE B 121 -8.09 2.53 1.42
N THR B 122 -7.44 1.87 2.38
CA THR B 122 -6.26 2.44 3.06
C THR B 122 -5.01 2.32 2.19
N THR B 123 -5.11 1.49 1.17
CA THR B 123 -3.98 1.08 0.37
C THR B 123 -2.88 0.36 1.18
N ILE B 124 -3.07 0.00 2.45
CA ILE B 124 -2.13 -0.94 3.13
C ILE B 124 -1.97 -2.24 2.30
N GLY B 125 -3.02 -2.73 1.69
CA GLY B 125 -2.93 -3.82 0.75
C GLY B 125 -2.07 -4.99 1.14
N PHE B 126 -2.14 -5.49 2.39
CA PHE B 126 -1.34 -6.66 2.87
C PHE B 126 -1.17 -7.86 1.91
N GLY B 127 -2.22 -8.28 1.20
CA GLY B 127 -2.08 -9.32 0.18
C GLY B 127 -2.21 -10.78 0.56
N ASN B 128 -2.16 -11.09 1.86
CA ASN B 128 -2.51 -12.40 2.39
C ASN B 128 -3.72 -13.02 1.67
N ILE B 129 -4.76 -12.19 1.48
CA ILE B 129 -6.00 -12.47 0.76
C ILE B 129 -6.13 -11.46 -0.38
N SER B 130 -6.60 -11.94 -1.53
CA SER B 130 -6.75 -11.10 -2.70
C SER B 130 -7.62 -11.80 -3.70
N PRO B 131 -8.38 -11.04 -4.51
CA PRO B 131 -9.35 -11.67 -5.41
C PRO B 131 -8.69 -12.64 -6.37
N ARG B 132 -9.38 -13.74 -6.65
CA ARG B 132 -8.99 -14.73 -7.66
C ARG B 132 -9.95 -14.75 -8.86
N THR B 133 -11.15 -14.23 -8.68
CA THR B 133 -12.20 -14.21 -9.70
C THR B 133 -12.06 -13.05 -10.66
N GLU B 134 -12.24 -13.28 -11.97
CA GLU B 134 -12.24 -12.18 -12.95
C GLU B 134 -13.08 -10.99 -12.46
N GLY B 135 -14.21 -11.25 -11.83
CA GLY B 135 -15.10 -10.22 -11.30
C GLY B 135 -14.81 -9.65 -9.92
N GLY B 136 -14.10 -10.40 -9.10
CA GLY B 136 -13.52 -9.86 -7.87
C GLY B 136 -12.45 -8.84 -8.19
N LYS B 137 -11.69 -9.11 -9.24
CA LYS B 137 -10.67 -8.21 -9.74
C LYS B 137 -11.25 -6.95 -10.36
N ILE B 138 -12.33 -7.10 -11.11
CA ILE B 138 -12.99 -5.94 -11.72
C ILE B 138 -13.64 -5.07 -10.66
N PHE B 139 -14.19 -5.70 -9.63
CA PHE B 139 -14.79 -4.95 -8.52
C PHE B 139 -13.72 -4.23 -7.71
N CYS B 140 -12.57 -4.90 -7.52
CA CYS B 140 -11.47 -4.34 -6.72
C CYS B 140 -10.95 -3.06 -7.37
N ILE B 141 -10.86 -3.07 -8.69
CA ILE B 141 -10.44 -1.88 -9.44
C ILE B 141 -11.41 -0.71 -9.21
N ILE B 142 -12.69 -0.95 -9.40
CA ILE B 142 -13.73 0.08 -9.17
C ILE B 142 -13.74 0.51 -7.72
N TYR B 143 -13.72 -0.47 -6.82
CA TYR B 143 -13.78 -0.22 -5.39
C TYR B 143 -12.62 0.63 -4.90
N ALA B 144 -11.45 0.42 -5.50
CA ALA B 144 -10.24 1.14 -5.09
C ALA B 144 -10.24 2.57 -5.58
N LEU B 145 -10.68 2.78 -6.84
CA LEU B 145 -10.69 4.10 -7.44
C LEU B 145 -11.65 5.04 -6.78
N LEU B 146 -12.85 4.57 -6.43
CA LEU B 146 -13.77 5.37 -5.59
C LEU B 146 -13.40 5.36 -4.09
N GLY B 147 -12.91 4.24 -3.60
CA GLY B 147 -12.70 4.06 -2.15
C GLY B 147 -11.52 4.80 -1.56
N ILE B 148 -10.41 4.84 -2.29
CA ILE B 148 -9.20 5.48 -1.80
C ILE B 148 -9.43 6.98 -1.56
N PRO B 149 -10.10 7.67 -2.51
CA PRO B 149 -10.39 9.08 -2.26
C PRO B 149 -11.35 9.29 -1.12
N LEU B 150 -12.39 8.48 -1.05
CA LEU B 150 -13.31 8.53 0.07
C LEU B 150 -12.59 8.36 1.41
N PHE B 151 -11.81 7.30 1.55
CA PHE B 151 -11.08 7.10 2.83
C PHE B 151 -10.16 8.29 3.14
N GLY B 152 -9.64 8.96 2.11
CA GLY B 152 -8.77 10.10 2.32
C GLY B 152 -9.44 11.25 3.01
N PHE B 153 -10.70 11.53 2.62
CA PHE B 153 -11.52 12.48 3.38
C PHE B 153 -11.63 12.10 4.86
N LEU B 154 -12.01 10.86 5.16
CA LEU B 154 -12.05 10.42 6.57
C LEU B 154 -10.73 10.63 7.28
N LEU B 155 -9.65 10.22 6.61
CA LEU B 155 -8.34 10.25 7.21
C LEU B 155 -7.95 11.68 7.48
N ALA B 156 -8.38 12.59 6.60
CA ALA B 156 -8.15 14.04 6.79
C ALA B 156 -8.90 14.58 8.00
N GLY B 157 -10.18 14.24 8.08
CA GLY B 157 -11.03 14.60 9.19
C GLY B 157 -10.47 14.11 10.51
N VAL B 158 -10.03 12.84 10.55
CA VAL B 158 -9.46 12.24 11.76
C VAL B 158 -8.16 12.93 12.17
N GLY B 159 -7.39 13.34 11.20
CA GLY B 159 -6.19 14.08 11.47
C GLY B 159 -6.49 15.40 12.10
N ASP B 160 -7.47 16.13 11.56
CA ASP B 160 -7.93 17.40 12.17
C ASP B 160 -8.36 17.22 13.64
N GLN B 161 -9.17 16.21 13.92
CA GLN B 161 -9.59 15.92 15.30
C GLN B 161 -8.38 15.79 16.24
N LEU B 162 -7.48 14.87 15.93
CA LEU B 162 -6.25 14.75 16.68
C LEU B 162 -5.48 16.06 16.73
N GLY B 163 -5.50 16.82 15.65
CA GLY B 163 -4.90 18.15 15.61
C GLY B 163 -5.39 19.06 16.74
N THR B 164 -6.71 19.12 16.94
CA THR B 164 -7.30 20.02 17.92
C THR B 164 -7.03 19.49 19.33
N ILE B 165 -7.29 18.21 19.55
CA ILE B 165 -7.05 17.55 20.85
C ILE B 165 -5.61 17.75 21.36
N PHE B 166 -4.63 17.63 20.48
CA PHE B 166 -3.24 17.92 20.86
C PHE B 166 -3.01 19.42 21.03
N GLY B 167 -3.62 20.24 20.17
CA GLY B 167 -3.54 21.71 20.27
C GLY B 167 -4.05 22.30 21.58
N LYS B 168 -5.13 21.71 22.11
CA LYS B 168 -5.65 22.03 23.44
C LYS B 168 -4.61 21.71 24.51
N GLY B 169 -4.14 20.48 24.51
CA GLY B 169 -3.08 20.02 25.42
C GLY B 169 -1.79 20.83 25.43
N ILE B 170 -1.42 21.47 24.32
CA ILE B 170 -0.21 22.33 24.31
C ILE B 170 -0.51 23.79 24.60
N ALA B 171 -1.76 24.21 24.62
CA ALA B 171 -2.11 25.47 25.27
C ALA B 171 -1.78 25.39 26.77
N LYS B 172 -2.19 24.31 27.42
CA LYS B 172 -1.91 24.09 28.87
C LYS B 172 -0.42 23.85 29.24
N VAL B 173 0.38 23.34 28.29
CA VAL B 173 1.80 23.05 28.51
C VAL B 173 2.72 24.16 27.91
N GLU B 174 2.15 25.10 27.17
CA GLU B 174 2.84 26.37 26.85
C GLU B 174 2.37 27.52 27.77
N ASP B 175 1.55 27.21 28.76
CA ASP B 175 1.17 28.14 29.84
C ASP B 175 2.02 27.86 31.08
N THR B 176 1.98 26.60 31.54
CA THR B 176 2.73 26.16 32.73
C THR B 176 4.26 26.24 32.54
N PHE B 177 4.75 26.08 31.32
CA PHE B 177 6.12 26.47 30.92
C PHE B 177 6.20 27.92 30.36
N ILE B 178 5.90 28.89 31.24
CA ILE B 178 6.13 30.33 30.98
C ILE B 178 7.10 30.87 32.04
N LYS B 179 8.30 30.27 32.05
CA LYS B 179 9.44 30.71 32.87
C LYS B 179 10.37 31.68 32.14
N TRP B 180 11.32 32.27 32.88
CA TRP B 180 12.21 33.31 32.33
C TRP B 180 13.20 32.74 31.30
N VAL B 182 12.03 31.68 27.82
CA VAL B 182 11.02 31.23 26.87
C VAL B 182 10.80 32.26 25.76
N SER B 183 10.60 31.76 24.54
CA SER B 183 10.34 32.59 23.36
C SER B 183 9.31 31.96 22.41
N GLN B 184 9.03 32.66 21.32
CA GLN B 184 8.00 32.25 20.33
C GLN B 184 8.39 31.02 19.48
N THR B 185 9.68 30.93 19.09
CA THR B 185 10.23 29.88 18.23
C THR B 185 10.88 28.69 18.98
N LYS B 186 11.36 28.89 20.21
CA LYS B 186 11.99 27.81 20.99
C LYS B 186 10.98 26.85 21.63
N ILE B 187 9.76 27.31 21.85
CA ILE B 187 8.68 26.46 22.40
C ILE B 187 8.01 25.58 21.32
N ARG B 188 8.23 25.93 20.05
CA ARG B 188 7.90 25.03 18.94
C ARG B 188 8.72 23.72 19.07
N ILE B 189 9.98 23.81 19.47
CA ILE B 189 10.83 22.64 19.72
C ILE B 189 10.26 21.70 20.80
N ILE B 190 9.68 22.27 21.86
CA ILE B 190 9.19 21.46 22.98
C ILE B 190 7.91 20.71 22.58
N SER B 191 7.03 21.41 21.85
CA SER B 191 5.79 20.82 21.38
C SER B 191 6.05 19.62 20.48
N THR B 192 6.94 19.76 19.49
CA THR B 192 7.29 18.66 18.60
C THR B 192 7.89 17.44 19.31
N ILE B 193 8.68 17.67 20.36
CA ILE B 193 9.24 16.57 21.13
C ILE B 193 8.10 15.79 21.80
N ILE B 194 7.13 16.53 22.36
CA ILE B 194 6.05 15.86 23.07
C ILE B 194 5.13 15.12 22.10
N PHE B 195 4.99 15.65 20.88
CA PHE B 195 4.25 15.00 19.78
C PHE B 195 4.85 13.66 19.34
N ILE B 196 6.18 13.62 19.24
CA ILE B 196 6.87 12.37 18.89
C ILE B 196 6.78 11.39 20.05
N LEU B 197 7.05 11.87 21.26
CA LEU B 197 7.12 10.99 22.42
C LEU B 197 5.74 10.39 22.77
N PHE B 198 4.74 11.26 22.96
CA PHE B 198 3.38 10.80 23.26
C PHE B 198 2.81 9.97 22.11
N GLY B 199 3.07 10.40 20.88
CA GLY B 199 2.60 9.68 19.73
C GLY B 199 3.20 8.29 19.60
N CYS B 200 4.49 8.14 19.91
CA CYS B 200 5.13 6.83 19.84
C CYS B 200 4.62 5.88 20.86
N VAL B 201 4.28 6.42 22.04
CA VAL B 201 3.72 5.61 23.13
C VAL B 201 2.32 5.11 22.71
N LEU B 202 1.46 6.05 22.36
CA LEU B 202 0.06 5.74 22.00
C LEU B 202 -0.09 4.93 20.72
N PHE B 203 0.73 5.21 19.71
CA PHE B 203 0.51 4.64 18.38
C PHE B 203 1.49 3.56 17.91
N VAL B 204 2.67 3.47 18.56
CA VAL B 204 3.66 2.44 18.25
C VAL B 204 3.88 1.44 19.42
N ALA B 205 4.48 1.92 20.52
CA ALA B 205 4.79 1.11 21.72
C ALA B 205 3.62 0.34 22.32
N LEU B 206 2.59 1.06 22.75
CA LEU B 206 1.44 0.43 23.38
C LEU B 206 0.88 -0.66 22.46
N PRO B 207 0.50 -0.32 21.21
CA PRO B 207 -0.04 -1.40 20.38
C PRO B 207 0.96 -2.54 20.08
N ALA B 208 2.26 -2.27 20.10
CA ALA B 208 3.25 -3.32 19.92
C ALA B 208 3.20 -4.29 21.09
N VAL B 209 3.11 -3.74 22.30
CA VAL B 209 2.95 -4.56 23.51
C VAL B 209 1.77 -5.52 23.34
N ILE B 210 0.61 -4.98 23.00
CA ILE B 210 -0.59 -5.80 22.83
C ILE B 210 -0.36 -6.87 21.76
N PHE B 211 0.19 -6.45 20.62
CA PHE B 211 0.40 -7.35 19.47
C PHE B 211 1.31 -8.52 19.84
N LYS B 212 2.38 -8.21 20.58
CA LYS B 212 3.33 -9.21 21.12
C LYS B 212 2.60 -10.28 21.93
N HIS B 213 1.84 -9.84 22.92
CA HIS B 213 1.07 -10.75 23.76
C HIS B 213 -0.05 -11.49 23.01
N ILE B 214 -0.85 -10.78 22.23
CA ILE B 214 -1.98 -11.42 21.54
C ILE B 214 -1.57 -12.32 20.33
N GLU B 215 -0.56 -11.90 19.57
CA GLU B 215 -0.15 -12.66 18.36
C GLU B 215 1.02 -13.60 18.63
N GLY B 216 1.73 -13.37 19.73
CA GLY B 216 2.94 -14.12 19.98
C GLY B 216 4.13 -13.68 19.16
N TRP B 217 4.11 -12.47 18.62
CA TRP B 217 5.26 -11.95 17.86
C TRP B 217 6.35 -11.47 18.80
N SER B 218 7.60 -11.46 18.34
CA SER B 218 8.66 -10.75 19.07
C SER B 218 8.34 -9.27 19.19
N ALA B 219 9.04 -8.58 20.07
CA ALA B 219 8.82 -7.14 20.20
C ALA B 219 9.24 -6.45 18.91
N LEU B 220 10.35 -6.89 18.31
CA LEU B 220 10.80 -6.32 17.04
C LEU B 220 9.81 -6.61 15.92
N ASP B 221 9.30 -7.82 15.83
CA ASP B 221 8.34 -8.11 14.77
C ASP B 221 7.12 -7.21 14.88
N ALA B 222 6.66 -6.97 16.10
CA ALA B 222 5.51 -6.09 16.33
C ALA B 222 5.74 -4.63 15.91
N ILE B 223 6.89 -4.09 16.22
CA ILE B 223 7.21 -2.73 15.86
C ILE B 223 7.35 -2.62 14.35
N TYR B 224 8.04 -3.58 13.76
CA TYR B 224 8.13 -3.74 12.31
C TYR B 224 6.72 -3.79 11.75
N PHE B 225 5.87 -4.64 12.31
CA PHE B 225 4.47 -4.70 11.87
C PHE B 225 3.78 -3.33 11.90
N VAL B 226 3.95 -2.61 13.01
CA VAL B 226 3.35 -1.29 13.18
C VAL B 226 3.79 -0.34 12.09
N VAL B 227 5.09 -0.29 11.85
CA VAL B 227 5.68 0.68 10.92
C VAL B 227 5.33 0.33 9.47
N ILE B 228 5.38 -0.96 9.15
CA ILE B 228 5.07 -1.42 7.80
C ILE B 228 3.58 -1.21 7.54
N THR B 229 2.74 -1.39 8.53
CA THR B 229 1.30 -1.13 8.37
C THR B 229 0.95 0.36 8.33
N LEU B 230 1.46 1.18 9.24
CA LEU B 230 0.98 2.58 9.31
C LEU B 230 1.61 3.53 8.25
N THR B 231 2.83 3.23 7.79
CA THR B 231 3.38 3.88 6.58
C THR B 231 2.65 3.45 5.34
N THR B 232 1.85 2.41 5.45
CA THR B 232 1.09 1.78 4.40
C THR B 232 1.93 0.97 3.42
N ILE B 233 3.17 0.63 3.78
CA ILE B 233 3.95 -0.28 2.94
C ILE B 233 3.19 -1.59 2.88
N GLY B 234 2.88 -2.17 4.01
CA GLY B 234 2.04 -3.34 4.12
C GLY B 234 2.51 -4.60 3.41
N PHE B 235 3.79 -4.97 3.55
CA PHE B 235 4.31 -6.23 2.99
C PHE B 235 3.37 -7.41 3.14
N GLY B 236 2.73 -7.59 4.30
CA GLY B 236 1.90 -8.79 4.51
C GLY B 236 2.64 -9.99 5.10
N ASP B 237 3.93 -9.85 5.39
CA ASP B 237 4.61 -10.89 6.18
C ASP B 237 4.05 -11.05 7.59
N TYR B 238 3.43 -10.02 8.15
CA TYR B 238 2.71 -10.05 9.45
C TYR B 238 1.37 -9.33 9.30
N VAL B 239 0.32 -9.88 9.89
CA VAL B 239 -1.04 -9.35 9.83
C VAL B 239 -1.79 -9.57 11.16
N ALA B 240 -2.06 -8.52 11.91
CA ALA B 240 -2.82 -8.66 13.15
C ALA B 240 -4.19 -9.23 12.84
N GLY B 241 -4.63 -10.18 13.66
CA GLY B 241 -5.89 -10.89 13.44
C GLY B 241 -5.78 -11.95 12.36
N GLY B 242 -4.54 -12.32 12.00
CA GLY B 242 -4.29 -13.17 10.85
C GLY B 242 -4.17 -14.70 11.03
N SER B 243 -3.90 -15.14 12.25
CA SER B 243 -3.88 -16.56 12.57
C SER B 243 -5.28 -17.04 12.93
N ASP B 244 -5.44 -18.36 12.98
CA ASP B 244 -6.65 -19.02 13.52
C ASP B 244 -6.40 -19.24 15.02
N ILE B 245 -6.31 -18.15 15.77
CA ILE B 245 -6.16 -18.26 17.23
C ILE B 245 -7.54 -18.34 17.90
N GLU B 246 -8.02 -17.26 18.49
CA GLU B 246 -9.17 -17.28 19.37
C GLU B 246 -9.75 -15.87 19.21
N TYR B 247 -8.99 -14.88 19.66
CA TYR B 247 -9.32 -13.47 19.58
C TYR B 247 -10.61 -13.08 20.31
N LEU B 248 -10.49 -12.10 21.18
CA LEU B 248 -11.61 -11.66 21.99
C LEU B 248 -12.74 -10.93 21.26
N ASP B 249 -12.49 -10.34 20.11
CA ASP B 249 -13.45 -9.45 19.42
C ASP B 249 -13.89 -8.18 20.18
N PHE B 250 -13.15 -7.82 21.24
CA PHE B 250 -12.83 -6.40 21.42
C PHE B 250 -11.63 -6.10 20.48
N TYR B 251 -10.70 -7.06 20.34
CA TYR B 251 -9.40 -6.92 19.65
C TYR B 251 -9.42 -6.34 18.23
N LYS B 252 -10.06 -7.00 17.29
CA LYS B 252 -10.09 -6.46 15.94
C LYS B 252 -10.69 -5.06 15.86
N PRO B 253 -11.84 -4.84 16.55
CA PRO B 253 -12.37 -3.50 16.62
C PRO B 253 -11.34 -2.45 17.06
N VAL B 254 -10.57 -2.79 18.09
CA VAL B 254 -9.59 -1.87 18.60
C VAL B 254 -8.49 -1.67 17.53
N VAL B 255 -8.14 -2.76 16.83
CA VAL B 255 -7.13 -2.68 15.78
C VAL B 255 -7.61 -1.74 14.66
N TRP B 256 -8.86 -1.93 14.23
CA TRP B 256 -9.48 -1.01 13.26
C TRP B 256 -9.31 0.43 13.66
N PHE B 257 -9.58 0.70 14.93
CA PHE B 257 -9.51 2.06 15.44
C PHE B 257 -8.08 2.56 15.41
N TRP B 258 -7.16 1.70 15.84
CA TRP B 258 -5.71 2.00 15.74
C TRP B 258 -5.24 2.27 14.30
N ILE B 259 -5.76 1.52 13.35
CA ILE B 259 -5.47 1.78 11.95
C ILE B 259 -5.86 3.20 11.59
N LEU B 260 -7.09 3.57 11.96
CA LEU B 260 -7.64 4.87 11.61
C LEU B 260 -6.79 6.01 12.16
N VAL B 261 -6.38 5.88 13.39
CA VAL B 261 -5.74 6.98 14.09
C VAL B 261 -4.23 6.91 13.85
N GLY B 262 -3.68 5.69 13.79
CA GLY B 262 -2.27 5.46 13.45
C GLY B 262 -1.93 5.95 12.05
N LEU B 263 -2.77 5.66 11.06
CA LEU B 263 -2.56 6.26 9.74
C LEU B 263 -2.47 7.82 9.79
N ALA B 264 -3.36 8.47 10.53
CA ALA B 264 -3.31 9.93 10.60
C ALA B 264 -2.00 10.42 11.24
N TYR B 265 -1.59 9.73 12.30
CA TYR B 265 -0.39 10.09 13.02
C TYR B 265 0.89 9.89 12.16
N PHE B 266 1.00 8.75 11.49
CA PHE B 266 2.12 8.51 10.57
C PHE B 266 2.14 9.48 9.38
N ALA B 267 0.96 9.89 8.93
CA ALA B 267 0.91 10.90 7.89
C ALA B 267 1.61 12.18 8.34
N ALA B 268 1.24 12.62 9.54
CA ALA B 268 1.80 13.81 10.13
C ALA B 268 3.32 13.69 10.33
N VAL B 269 3.76 12.56 10.88
CA VAL B 269 5.17 12.33 11.17
C VAL B 269 5.98 12.27 9.89
N LEU B 270 5.50 11.47 8.94
CA LEU B 270 6.16 11.40 7.64
C LEU B 270 6.28 12.80 7.07
N SER B 271 5.22 13.57 7.23
CA SER B 271 5.20 14.95 6.79
C SER B 271 6.26 15.78 7.52
N MET B 272 6.40 15.60 8.84
CA MET B 272 7.42 16.34 9.58
C MET B 272 8.82 16.03 9.06
N ILE B 273 9.12 14.73 8.90
CA ILE B 273 10.43 14.28 8.43
C ILE B 273 10.75 14.93 7.10
N GLY B 274 9.73 15.09 6.27
CA GLY B 274 9.92 15.78 5.00
C GLY B 274 10.43 17.17 5.19
N ASP B 275 9.82 17.92 6.12
CA ASP B 275 10.30 19.27 6.47
C ASP B 275 11.74 19.27 7.00
N TRP B 276 12.07 18.33 7.86
CA TRP B 276 13.46 18.19 8.30
C TRP B 276 14.43 17.98 7.11
N LEU B 277 14.06 17.15 6.15
CA LEU B 277 14.88 16.96 4.94
C LEU B 277 14.96 18.23 4.08
N ARG B 278 13.90 19.01 4.06
CA ARG B 278 13.89 20.26 3.32
C ARG B 278 14.94 21.20 3.97
N VAL B 279 14.91 21.29 5.29
CA VAL B 279 15.90 22.04 6.10
C VAL B 279 17.32 21.57 5.83
N ILE B 280 17.58 20.30 6.13
CA ILE B 280 18.91 19.74 5.96
C ILE B 280 19.42 19.88 4.52
N ALA B 281 18.49 19.89 3.57
CA ALA B 281 18.88 20.13 2.20
C ALA B 281 19.37 21.54 1.97
N LYS B 282 18.70 22.57 2.57
CA LYS B 282 19.16 23.99 2.50
C LYS B 282 20.57 24.07 3.03
N LYS B 283 20.78 23.47 4.20
CA LYS B 283 22.05 23.54 4.87
C LYS B 283 23.17 22.86 4.07
N THR B 284 22.93 21.65 3.57
CA THR B 284 23.97 20.96 2.80
C THR B 284 24.31 21.71 1.52
N LYS B 285 23.33 22.39 0.94
CA LYS B 285 23.56 23.22 -0.24
C LYS B 285 24.52 24.36 0.14
N GLU B 286 24.34 24.96 1.34
CA GLU B 286 25.21 26.07 1.74
C GLU B 286 26.60 25.63 2.19
N ALA B 287 26.67 24.50 2.89
CA ALA B 287 27.96 23.86 3.23
C ALA B 287 28.78 23.48 1.99
N VAL B 288 28.15 22.89 0.98
CA VAL B 288 28.87 22.59 -0.26
C VAL B 288 29.34 23.86 -0.90
N GLY B 289 28.51 24.91 -0.86
CA GLY B 289 28.88 26.20 -1.42
C GLY B 289 30.01 26.91 -0.69
N GLU B 290 30.01 26.79 0.63
CA GLU B 290 31.15 27.25 1.45
C GLU B 290 32.37 26.48 1.06
N PHE B 291 32.27 25.16 1.18
CA PHE B 291 33.38 24.30 0.85
C PHE B 291 33.97 24.62 -0.51
N ARG B 292 33.13 24.91 -1.50
CA ARG B 292 33.62 25.34 -2.82
C ARG B 292 34.38 26.66 -2.74
N ALA B 293 33.74 27.68 -2.16
CA ALA B 293 34.30 29.05 -2.17
C ALA B 293 35.67 29.18 -1.53
N HIS B 294 35.87 28.40 -0.47
CA HIS B 294 37.08 28.52 0.35
C HIS B 294 38.18 27.64 -0.20
N ALA B 295 37.86 26.37 -0.47
CA ALA B 295 38.75 25.44 -1.22
C ALA B 295 40.20 25.46 -0.74
N ALA B 296 40.36 25.38 0.58
CA ALA B 296 41.67 25.49 1.27
C ALA B 296 42.40 26.79 0.91
N GLU B 297 41.88 27.92 1.41
CA GLU B 297 42.47 29.25 1.19
C GLU B 297 42.39 29.73 -0.27
#